data_4PSG
#
_entry.id   4PSG
#
_cell.length_a   59.412
_cell.length_b   95.893
_cell.length_c   82.179
_cell.angle_alpha   90.000
_cell.angle_beta   103.810
_cell.angle_gamma   90.000
#
_symmetry.space_group_name_H-M   'P 1 21 1'
#
loop_
_entity.id
_entity.type
_entity.pdbx_description
1 polymer 'Thymidylate synthase'
2 non-polymer "2'-deoxy-N-hydroxycytidine 5'-(dihydrogen phosphate)"
3 water water
#
_entity_poly.entity_id   1
_entity_poly.type   'polypeptide(L)'
_entity_poly.pdbx_seq_one_letter_code
;MEVMNKENIIADAPSDVVKTVQQQVHLNQDEYKYLKQVEQILREGTRRDDRTGTGTISIFGMQSKYCLRNGTIPLLTTKR
VYWKGVLEELLWFISGSTDGKLLMEKNVKIWEKNGDRAFLDNLGFTSREEGDLGPVYGFQWRHFGAKYVDCHTDYSGQGV
DQLAEVIRQIKEQPDSRRIIMSAWNPSDLGQMVLPPCHTMCQFYVDNGELSCQLYQRSGDMGLGVPFNLASYGLLTHMIA
KVCGLKPGTLVHTLGDAHVYSNHVDALKIQLDREPYAFPKIRFTRDVASIDDFTSDMIALDDYKCHPKIPMDMAV
;
_entity_poly.pdbx_strand_id   A,B
#
loop_
_chem_comp.id
_chem_comp.type
_chem_comp.name
_chem_comp.formula
NOH non-polymer '2'-deoxy-N-hydroxycytidine 5'-(dihydrogen phosphate)' 'C9 H14 N3 O8 P'
#
# COMPACT_ATOMS: atom_id res chain seq x y z
N GLN A 24 24.50 2.51 16.11
CA GLN A 24 23.98 3.90 16.21
C GLN A 24 24.90 4.95 15.57
N VAL A 25 26.20 4.82 15.81
CA VAL A 25 27.17 5.85 15.42
C VAL A 25 27.74 5.61 13.99
N HIS A 26 26.94 5.98 13.00
CA HIS A 26 27.19 5.66 11.62
C HIS A 26 27.00 6.95 10.90
N LEU A 27 27.79 7.17 9.86
CA LEU A 27 27.63 8.40 9.13
C LEU A 27 26.28 8.34 8.41
N ASN A 28 26.12 7.30 7.61
CA ASN A 28 24.88 7.06 6.92
C ASN A 28 24.07 6.10 7.77
N GLN A 29 23.20 6.62 8.62
CA GLN A 29 22.37 5.78 9.49
C GLN A 29 21.18 5.15 8.75
N ASP A 30 20.65 5.87 7.76
CA ASP A 30 19.57 5.34 6.93
C ASP A 30 19.96 4.10 6.13
N GLU A 31 21.20 4.06 5.63
CA GLU A 31 21.70 2.89 4.91
C GLU A 31 22.17 1.79 5.86
N TYR A 32 22.72 2.16 7.01
CA TYR A 32 23.10 1.14 7.94
C TYR A 32 21.87 0.28 8.14
N LYS A 33 20.73 0.94 8.22
CA LYS A 33 19.46 0.27 8.49
C LYS A 33 19.04 -0.71 7.41
N TYR A 34 19.23 -0.35 6.14
CA TYR A 34 18.83 -1.20 5.03
C TYR A 34 19.69 -2.46 5.06
N LEU A 35 20.92 -2.28 5.49
CA LEU A 35 21.83 -3.40 5.66
C LEU A 35 21.38 -4.33 6.77
N LYS A 36 20.80 -3.78 7.83
CA LYS A 36 20.15 -4.61 8.83
C LYS A 36 19.01 -5.40 8.26
N GLN A 37 18.27 -4.79 7.33
CA GLN A 37 17.11 -5.44 6.77
C GLN A 37 17.48 -6.67 5.98
N VAL A 38 18.54 -6.54 5.20
CA VAL A 38 19.03 -7.66 4.42
C VAL A 38 19.50 -8.76 5.37
N GLU A 39 20.20 -8.34 6.41
CA GLU A 39 20.73 -9.21 7.44
C GLU A 39 19.64 -10.06 8.07
N GLN A 40 18.52 -9.42 8.36
CA GLN A 40 17.42 -10.09 8.98
C GLN A 40 16.68 -11.02 8.02
N ILE A 41 16.62 -10.66 6.74
CA ILE A 41 16.00 -11.57 5.77
C ILE A 41 16.89 -12.78 5.67
N LEU A 42 18.19 -12.58 5.76
CA LEU A 42 19.09 -13.71 5.69
C LEU A 42 18.94 -14.52 6.97
N ARG A 43 18.93 -13.82 8.09
CA ARG A 43 18.78 -14.43 9.41
C ARG A 43 17.45 -15.13 9.65
N GLU A 44 16.33 -14.54 9.24
CA GLU A 44 15.07 -15.14 9.67
C GLU A 44 14.00 -15.34 8.62
N GLY A 45 14.38 -15.32 7.36
CA GLY A 45 13.43 -15.43 6.25
C GLY A 45 13.12 -16.85 5.81
N THR A 46 12.13 -16.99 4.94
CA THR A 46 11.80 -18.33 4.48
C THR A 46 12.22 -18.50 3.04
N ARG A 47 12.71 -19.71 2.77
CA ARG A 47 13.23 -20.05 1.48
C ARG A 47 12.18 -20.68 0.59
N ARG A 48 12.13 -20.23 -0.64
CA ARG A 48 11.45 -20.96 -1.70
C ARG A 48 12.56 -21.33 -2.68
N ASP A 49 13.01 -22.58 -2.61
CA ASP A 49 14.19 -23.03 -3.35
C ASP A 49 13.90 -23.55 -4.76
N ASP A 50 14.96 -23.76 -5.52
CA ASP A 50 14.84 -24.38 -6.83
C ASP A 50 16.21 -24.71 -7.36
N ARG A 51 16.25 -25.15 -8.60
CA ARG A 51 17.47 -25.57 -9.23
C ARG A 51 17.61 -24.91 -10.59
N THR A 52 16.68 -24.00 -10.90
CA THR A 52 16.84 -23.13 -12.06
C THR A 52 17.82 -22.04 -11.63
N GLY A 53 18.20 -22.08 -10.36
CA GLY A 53 19.09 -21.07 -9.78
C GLY A 53 18.38 -19.78 -9.46
N THR A 54 17.06 -19.85 -9.26
CA THR A 54 16.25 -18.65 -9.12
C THR A 54 15.56 -18.56 -7.75
N GLY A 55 16.16 -19.18 -6.75
CA GLY A 55 15.54 -19.33 -5.43
C GLY A 55 15.67 -18.12 -4.53
N THR A 56 14.66 -17.89 -3.69
CA THR A 56 14.57 -16.68 -2.88
C THR A 56 14.59 -16.93 -1.37
N ILE A 57 14.91 -15.91 -0.59
CA ILE A 57 14.75 -15.97 0.86
C ILE A 57 13.93 -14.74 1.20
N SER A 58 12.85 -14.91 1.97
CA SER A 58 11.81 -13.88 2.00
C SER A 58 11.30 -13.45 3.36
N ILE A 59 11.14 -12.15 3.56
CA ILE A 59 10.29 -11.68 4.65
C ILE A 59 9.06 -10.95 4.11
N PHE A 60 7.90 -11.35 4.60
CA PHE A 60 6.68 -10.69 4.19
C PHE A 60 6.30 -9.62 5.21
N GLY A 61 6.38 -8.36 4.76
CA GLY A 61 6.09 -7.20 5.59
C GLY A 61 7.34 -6.56 6.15
N MET A 62 7.77 -5.45 5.56
CA MET A 62 8.92 -4.73 6.07
C MET A 62 8.76 -3.24 5.85
N GLN A 63 9.37 -2.44 6.72
CA GLN A 63 9.29 -0.98 6.60
C GLN A 63 10.56 -0.22 7.01
N SER A 64 10.96 0.72 6.17
CA SER A 64 12.13 1.56 6.40
CA SER A 64 12.12 1.57 6.39
C SER A 64 11.86 3.01 6.05
N LYS A 65 12.64 3.89 6.65
CA LYS A 65 12.48 5.30 6.45
C LYS A 65 13.82 5.92 6.11
N TYR A 66 13.76 6.91 5.23
CA TYR A 66 14.95 7.64 4.81
C TYR A 66 14.66 9.10 4.86
N CYS A 67 15.67 9.87 5.23
CA CYS A 67 15.53 11.29 5.42
C CYS A 67 15.87 12.00 4.13
N LEU A 68 15.01 12.90 3.70
CA LEU A 68 15.23 13.54 2.43
C LEU A 68 15.66 14.98 2.63
N ARG A 69 16.08 15.32 3.83
CA ARG A 69 16.32 16.70 4.17
C ARG A 69 17.66 17.17 3.64
N ASN A 70 17.72 18.47 3.29
CA ASN A 70 18.94 19.12 2.82
C ASN A 70 19.38 18.66 1.44
N GLY A 71 18.42 18.18 0.65
CA GLY A 71 18.69 17.75 -0.72
C GLY A 71 19.23 16.34 -0.87
N THR A 72 19.07 15.52 0.16
CA THR A 72 19.62 14.19 0.19
C THR A 72 18.75 13.18 -0.50
N ILE A 73 19.36 12.37 -1.36
CA ILE A 73 18.66 11.31 -2.04
C ILE A 73 19.30 9.94 -1.78
N PRO A 74 18.50 9.00 -1.28
CA PRO A 74 18.96 7.70 -0.78
C PRO A 74 19.41 6.71 -1.84
N LEU A 75 20.42 7.08 -2.62
CA LEU A 75 21.04 6.15 -3.55
C LEU A 75 22.10 5.39 -2.80
N LEU A 76 21.97 4.07 -2.73
CA LEU A 76 22.91 3.27 -1.95
C LEU A 76 24.35 3.44 -2.38
N THR A 77 25.20 3.54 -1.37
CA THR A 77 26.62 3.71 -1.60
C THR A 77 27.41 2.42 -1.44
N THR A 78 26.84 1.43 -0.77
CA THR A 78 27.53 0.15 -0.62
C THR A 78 27.51 -0.72 -1.86
N LYS A 79 26.48 -0.56 -2.68
CA LYS A 79 26.43 -1.11 -4.03
C LYS A 79 25.87 -0.01 -4.89
N ARG A 80 26.47 0.18 -6.07
CA ARG A 80 26.10 1.27 -6.99
C ARG A 80 24.72 1.11 -7.61
N VAL A 81 24.03 2.23 -7.78
CA VAL A 81 22.73 2.22 -8.39
C VAL A 81 22.77 2.94 -9.73
N TYR A 82 21.98 2.46 -10.67
CA TYR A 82 22.09 2.95 -12.01
C TYR A 82 21.32 4.25 -12.07
N TRP A 83 22.00 5.38 -11.89
CA TRP A 83 21.29 6.64 -11.73
C TRP A 83 20.62 7.12 -13.01
N LYS A 84 21.28 6.86 -14.13
CA LYS A 84 20.79 7.30 -15.43
C LYS A 84 19.47 6.63 -15.81
N GLY A 85 19.32 5.35 -15.48
CA GLY A 85 18.04 4.65 -15.65
C GLY A 85 17.00 5.05 -14.63
N VAL A 86 17.39 5.16 -13.37
CA VAL A 86 16.50 5.71 -12.40
C VAL A 86 16.01 7.04 -12.88
N LEU A 87 16.95 7.89 -13.30
CA LEU A 87 16.65 9.24 -13.74
C LEU A 87 15.84 9.28 -15.03
N GLU A 88 16.30 8.57 -16.06
CA GLU A 88 15.60 8.54 -17.34
C GLU A 88 14.21 7.93 -17.29
N GLU A 89 14.08 6.79 -16.62
CA GLU A 89 12.79 6.11 -16.50
C GLU A 89 11.74 6.89 -15.70
N LEU A 90 12.15 7.63 -14.68
CA LEU A 90 11.15 8.37 -13.94
C LEU A 90 10.55 9.52 -14.74
N LEU A 91 11.38 10.19 -15.56
CA LEU A 91 10.93 11.33 -16.36
C LEU A 91 9.90 10.90 -17.39
N TRP A 92 10.17 9.71 -17.93
CA TRP A 92 9.37 8.99 -18.88
C TRP A 92 8.08 8.44 -18.22
N PHE A 93 8.12 8.00 -16.96
CA PHE A 93 6.87 7.67 -16.26
C PHE A 93 5.90 8.85 -16.18
N ILE A 94 6.44 10.02 -15.85
CA ILE A 94 5.72 11.25 -15.59
C ILE A 94 5.16 11.77 -16.91
N SER A 95 5.94 11.58 -17.95
CA SER A 95 5.63 12.04 -19.26
C SER A 95 4.41 11.28 -19.80
N GLY A 96 4.10 10.14 -19.19
CA GLY A 96 2.87 9.39 -19.50
C GLY A 96 3.04 8.30 -20.54
N SER A 97 4.29 8.11 -20.95
CA SER A 97 4.66 7.35 -22.13
C SER A 97 4.63 5.86 -21.85
N THR A 98 4.36 5.05 -22.88
CA THR A 98 4.40 3.60 -22.75
C THR A 98 5.13 2.94 -23.91
N ASP A 99 6.00 3.73 -24.53
CA ASP A 99 6.88 3.37 -25.63
C ASP A 99 8.28 3.21 -25.09
N GLY A 100 8.81 2.00 -24.99
CA GLY A 100 10.15 1.78 -24.44
C GLY A 100 11.22 2.19 -25.42
N LYS A 101 10.78 2.60 -26.60
CA LYS A 101 11.60 3.07 -27.70
C LYS A 101 12.25 4.39 -27.40
N LEU A 102 11.53 5.26 -26.69
CA LEU A 102 12.01 6.58 -26.30
C LEU A 102 13.07 6.43 -25.25
N LEU A 103 12.85 5.45 -24.39
CA LEU A 103 13.80 5.16 -23.34
C LEU A 103 15.10 4.65 -23.91
N MET A 104 15.02 3.84 -24.96
CA MET A 104 16.22 3.25 -25.53
C MET A 104 17.03 4.24 -26.33
N GLU A 105 16.37 5.30 -26.81
CA GLU A 105 17.04 6.33 -27.56
C GLU A 105 18.06 7.01 -26.70
N LYS A 106 17.79 7.02 -25.40
CA LYS A 106 18.70 7.58 -24.41
C LYS A 106 19.70 6.55 -23.88
N ASN A 107 19.67 5.36 -24.46
CA ASN A 107 20.56 4.26 -24.09
C ASN A 107 20.27 3.75 -22.68
N VAL A 108 19.00 3.70 -22.33
CA VAL A 108 18.58 3.09 -21.08
C VAL A 108 17.74 1.88 -21.51
N LYS A 109 18.25 0.69 -21.26
CA LYS A 109 17.65 -0.50 -21.84
C LYS A 109 16.90 -1.37 -20.84
N ILE A 110 16.55 -0.85 -19.68
CA ILE A 110 16.01 -1.72 -18.64
C ILE A 110 14.65 -2.33 -18.98
N TRP A 111 13.95 -1.74 -19.95
CA TRP A 111 12.64 -2.21 -20.37
C TRP A 111 12.71 -2.99 -21.68
N GLU A 112 13.93 -3.26 -22.13
CA GLU A 112 14.19 -3.80 -23.48
C GLU A 112 13.68 -5.22 -23.70
N LYS A 113 13.88 -6.10 -22.73
CA LYS A 113 13.44 -7.48 -22.90
C LYS A 113 11.91 -7.58 -22.84
N ASN A 114 11.26 -6.64 -22.15
CA ASN A 114 9.81 -6.67 -22.06
C ASN A 114 9.06 -6.13 -23.25
N GLY A 115 9.76 -5.46 -24.16
CA GLY A 115 9.12 -4.89 -25.33
C GLY A 115 9.55 -5.45 -26.67
N ASP A 116 10.59 -6.27 -26.71
CA ASP A 116 10.99 -6.77 -28.01
C ASP A 116 9.91 -7.75 -28.41
N ARG A 117 9.81 -7.98 -29.73
CA ARG A 117 8.71 -8.64 -30.42
C ARG A 117 8.39 -10.03 -29.91
N ALA A 118 9.42 -10.74 -29.48
CA ALA A 118 9.25 -12.07 -28.92
C ALA A 118 8.47 -12.11 -27.60
N PHE A 119 8.65 -11.11 -26.75
CA PHE A 119 7.92 -11.04 -25.50
C PHE A 119 6.47 -10.74 -25.79
N LEU A 120 6.27 -9.79 -26.71
CA LEU A 120 4.93 -9.34 -27.08
C LEU A 120 4.08 -10.45 -27.66
N ASP A 121 4.66 -11.22 -28.55
CA ASP A 121 3.92 -12.26 -29.22
C ASP A 121 3.62 -13.42 -28.33
N ASN A 122 4.55 -13.69 -27.41
CA ASN A 122 4.41 -14.79 -26.50
C ASN A 122 3.31 -14.48 -25.50
N LEU A 123 3.02 -13.21 -25.32
CA LEU A 123 1.97 -12.81 -24.39
C LEU A 123 0.62 -12.70 -25.08
N GLY A 124 0.61 -12.96 -26.38
CA GLY A 124 -0.59 -12.84 -27.21
C GLY A 124 -0.78 -11.45 -27.79
N PHE A 125 0.20 -10.56 -27.60
CA PHE A 125 0.04 -9.17 -28.02
C PHE A 125 0.49 -8.95 -29.45
N THR A 126 -0.14 -9.67 -30.37
CA THR A 126 0.37 -9.88 -31.71
C THR A 126 -0.04 -8.81 -32.72
N SER A 127 -0.80 -7.83 -32.28
CA SER A 127 -1.20 -6.73 -33.17
C SER A 127 -0.47 -5.47 -32.76
N ARG A 128 0.73 -5.67 -32.22
CA ARG A 128 1.36 -4.63 -31.46
C ARG A 128 2.76 -4.35 -31.97
N GLU A 129 3.13 -3.09 -32.03
CA GLU A 129 4.47 -2.72 -32.51
C GLU A 129 5.51 -2.84 -31.39
N GLU A 130 6.77 -3.02 -31.76
CA GLU A 130 7.79 -3.20 -30.75
C GLU A 130 7.73 -1.99 -29.86
N GLY A 131 7.95 -2.20 -28.58
CA GLY A 131 7.97 -1.10 -27.63
C GLY A 131 6.63 -0.69 -27.05
N ASP A 132 5.57 -1.36 -27.43
CA ASP A 132 4.31 -1.00 -26.87
C ASP A 132 4.16 -1.84 -25.60
N LEU A 133 4.30 -1.22 -24.45
CA LEU A 133 4.34 -1.98 -23.22
C LEU A 133 2.95 -2.09 -22.69
N GLY A 134 2.07 -1.26 -23.21
CA GLY A 134 0.68 -1.28 -22.78
C GLY A 134 0.39 -0.26 -21.69
N PRO A 135 -0.79 -0.35 -21.11
CA PRO A 135 -1.15 0.67 -20.16
C PRO A 135 -0.37 0.49 -18.86
N VAL A 136 0.94 0.58 -18.93
CA VAL A 136 1.78 0.44 -17.74
C VAL A 136 1.81 1.79 -17.04
N TYR A 137 2.75 1.96 -16.08
CA TYR A 137 2.78 3.08 -15.12
C TYR A 137 2.47 4.48 -15.59
N GLY A 138 3.09 4.92 -16.68
CA GLY A 138 2.86 6.27 -17.13
C GLY A 138 1.39 6.43 -17.48
N PHE A 139 0.81 5.38 -18.04
CA PHE A 139 -0.54 5.52 -18.52
C PHE A 139 -1.56 5.61 -17.40
N GLN A 140 -1.32 4.85 -16.34
CA GLN A 140 -2.16 4.83 -15.15
C GLN A 140 -2.05 6.13 -14.40
N TRP A 141 -0.80 6.58 -14.23
CA TRP A 141 -0.48 7.78 -13.46
C TRP A 141 -1.15 9.00 -14.02
N ARG A 142 -1.23 9.11 -15.34
CA ARG A 142 -1.75 10.33 -15.93
C ARG A 142 -3.07 10.14 -16.63
N HIS A 143 -3.49 8.89 -16.85
CA HIS A 143 -4.78 8.66 -17.49
C HIS A 143 -5.58 7.47 -16.93
N PHE A 144 -5.54 7.27 -15.61
CA PHE A 144 -6.23 6.12 -15.02
C PHE A 144 -7.67 6.06 -15.51
N GLY A 145 -7.99 4.98 -16.20
CA GLY A 145 -9.36 4.72 -16.58
C GLY A 145 -9.70 5.13 -18.00
N ALA A 146 -8.73 5.68 -18.71
CA ALA A 146 -8.88 5.97 -20.12
C ALA A 146 -8.88 4.65 -20.87
N LYS A 147 -9.39 4.66 -22.09
CA LYS A 147 -9.42 3.45 -22.88
C LYS A 147 -8.12 3.34 -23.67
N TYR A 148 -7.34 2.31 -23.38
CA TYR A 148 -6.02 2.19 -24.00
C TYR A 148 -6.10 1.69 -25.43
N VAL A 149 -5.38 2.36 -26.33
CA VAL A 149 -5.32 1.93 -27.72
C VAL A 149 -3.88 1.54 -28.08
N ASP A 150 -3.01 2.53 -28.25
CA ASP A 150 -1.58 2.22 -28.46
C ASP A 150 -0.67 3.31 -27.90
N CYS A 151 0.63 3.24 -28.17
CA CYS A 151 1.58 4.14 -27.52
C CYS A 151 1.72 5.44 -28.27
N HIS A 152 1.00 5.56 -29.38
CA HIS A 152 1.07 6.77 -30.17
C HIS A 152 -0.20 7.58 -30.08
N THR A 153 -1.18 7.06 -29.36
CA THR A 153 -2.45 7.72 -29.14
C THR A 153 -2.30 8.87 -28.17
N ASP A 154 -3.01 9.96 -28.47
CA ASP A 154 -3.04 11.17 -27.66
C ASP A 154 -4.20 11.00 -26.70
N TYR A 155 -3.90 10.98 -25.41
CA TYR A 155 -4.88 10.57 -24.44
C TYR A 155 -5.32 11.70 -23.57
N SER A 156 -5.13 12.92 -24.02
CA SER A 156 -5.35 14.09 -23.17
C SER A 156 -6.82 14.36 -22.90
N GLY A 157 -7.11 14.63 -21.63
CA GLY A 157 -8.48 14.89 -21.18
C GLY A 157 -9.16 13.58 -20.87
N GLN A 158 -8.41 12.51 -21.14
CA GLN A 158 -8.93 11.17 -21.00
C GLN A 158 -8.43 10.59 -19.69
N GLY A 159 -9.30 9.93 -18.95
CA GLY A 159 -8.93 9.31 -17.69
C GLY A 159 -8.50 10.34 -16.67
N VAL A 160 -8.30 9.88 -15.43
CA VAL A 160 -7.93 10.74 -14.31
C VAL A 160 -6.42 10.89 -14.27
N ASP A 161 -5.94 12.13 -14.32
CA ASP A 161 -4.54 12.43 -14.18
C ASP A 161 -4.19 12.51 -12.71
N GLN A 162 -3.61 11.44 -12.16
CA GLN A 162 -3.36 11.37 -10.72
C GLN A 162 -2.25 12.28 -10.26
N LEU A 163 -1.22 12.45 -11.08
CA LEU A 163 -0.08 13.30 -10.72
C LEU A 163 -0.45 14.78 -10.61
N ALA A 164 -1.30 15.26 -11.51
CA ALA A 164 -1.78 16.64 -11.50
C ALA A 164 -2.61 16.91 -10.26
N GLU A 165 -3.53 15.99 -9.99
CA GLU A 165 -4.34 16.00 -8.78
C GLU A 165 -3.47 15.88 -7.52
N VAL A 166 -2.38 15.11 -7.57
CA VAL A 166 -1.52 15.05 -6.39
C VAL A 166 -0.93 16.41 -6.07
N ILE A 167 -0.49 17.13 -7.11
CA ILE A 167 0.08 18.47 -6.97
C ILE A 167 -0.96 19.47 -6.47
N ARG A 168 -2.17 19.37 -6.99
CA ARG A 168 -3.29 20.21 -6.56
C ARG A 168 -3.53 20.12 -5.06
N GLN A 169 -3.55 18.89 -4.54
CA GLN A 169 -3.77 18.59 -3.11
C GLN A 169 -2.66 19.07 -2.18
N ILE A 170 -1.41 18.86 -2.56
CA ILE A 170 -0.34 19.34 -1.70
C ILE A 170 -0.40 20.87 -1.56
N LYS A 171 -0.59 21.55 -2.69
CA LYS A 171 -0.75 23.01 -2.71
C LYS A 171 -2.02 23.50 -2.03
N GLU A 172 -3.17 22.98 -2.47
CA GLU A 172 -4.46 23.44 -1.95
C GLU A 172 -4.96 22.80 -0.64
N GLN A 173 -4.63 21.53 -0.39
CA GLN A 173 -5.13 20.82 0.76
C GLN A 173 -4.05 20.07 1.49
N PRO A 174 -3.07 20.78 2.05
CA PRO A 174 -1.90 20.09 2.61
C PRO A 174 -2.23 19.09 3.71
N ASP A 175 -3.28 19.31 4.48
CA ASP A 175 -3.57 18.41 5.60
C ASP A 175 -4.13 17.05 5.19
N SER A 176 -4.48 16.93 3.91
CA SER A 176 -5.19 15.79 3.39
C SER A 176 -4.52 14.46 3.68
N ARG A 177 -5.32 13.44 3.95
CA ARG A 177 -4.77 12.12 4.15
C ARG A 177 -5.10 11.24 2.95
N ARG A 178 -5.51 11.86 1.86
CA ARG A 178 -5.85 11.06 0.68
CA ARG A 178 -5.97 11.20 0.66
C ARG A 178 -5.05 11.44 -0.56
N ILE A 179 -3.78 11.78 -0.35
CA ILE A 179 -2.91 12.09 -1.49
C ILE A 179 -2.24 10.83 -2.04
N ILE A 180 -3.00 10.06 -2.82
CA ILE A 180 -2.58 8.77 -3.31
C ILE A 180 -2.50 8.77 -4.83
N MET A 181 -1.43 8.23 -5.39
CA MET A 181 -1.42 7.96 -6.83
C MET A 181 -1.12 6.49 -7.05
N SER A 182 -1.86 5.88 -7.95
CA SER A 182 -1.84 4.44 -8.01
C SER A 182 -1.76 3.99 -9.43
N ALA A 183 -1.00 2.90 -9.64
CA ALA A 183 -0.91 2.26 -10.93
C ALA A 183 -1.47 0.84 -10.93
N TRP A 184 -2.23 0.48 -9.92
CA TRP A 184 -2.77 -0.84 -9.90
C TRP A 184 -4.18 -0.68 -10.38
N ASN A 185 -4.39 -0.98 -11.64
CA ASN A 185 -5.68 -0.87 -12.25
C ASN A 185 -5.99 -2.29 -12.59
N PRO A 186 -6.87 -2.95 -11.86
CA PRO A 186 -7.25 -4.31 -12.21
C PRO A 186 -7.86 -4.46 -13.60
N SER A 187 -8.54 -3.42 -14.06
CA SER A 187 -9.12 -3.38 -15.38
C SER A 187 -8.12 -3.55 -16.50
N ASP A 188 -6.91 -3.04 -16.29
CA ASP A 188 -5.92 -3.01 -17.35
C ASP A 188 -4.75 -3.97 -17.24
N LEU A 189 -4.63 -4.75 -16.17
CA LEU A 189 -3.38 -5.51 -15.90
C LEU A 189 -3.05 -6.60 -16.88
N GLY A 190 -4.04 -7.06 -17.64
CA GLY A 190 -3.84 -8.17 -18.58
C GLY A 190 -3.27 -7.68 -19.89
N GLN A 191 -3.26 -6.37 -20.06
CA GLN A 191 -2.82 -5.74 -21.29
C GLN A 191 -1.42 -5.24 -21.07
N MET A 192 -0.93 -5.38 -19.84
CA MET A 192 0.39 -4.88 -19.48
C MET A 192 1.46 -5.95 -19.67
N VAL A 193 2.66 -5.53 -20.04
CA VAL A 193 3.77 -6.46 -20.23
C VAL A 193 4.28 -6.95 -18.89
N LEU A 194 4.26 -6.09 -17.89
CA LEU A 194 4.37 -6.63 -16.54
C LEU A 194 3.36 -5.97 -15.64
N PRO A 195 2.98 -6.68 -14.56
CA PRO A 195 2.20 -6.06 -13.51
C PRO A 195 3.08 -5.08 -12.76
N PRO A 196 2.47 -4.08 -12.14
CA PRO A 196 3.18 -3.11 -11.32
C PRO A 196 3.79 -3.74 -10.08
N CYS A 197 4.93 -3.23 -9.67
CA CYS A 197 5.64 -3.80 -8.54
C CYS A 197 5.68 -2.76 -7.48
N HIS A 198 5.90 -1.51 -7.91
CA HIS A 198 5.60 -0.36 -7.08
C HIS A 198 4.15 0.00 -7.36
N THR A 199 3.29 -0.23 -6.39
CA THR A 199 1.86 -0.27 -6.71
C THR A 199 1.08 1.02 -6.47
N MET A 200 1.40 1.75 -5.42
CA MET A 200 0.68 2.94 -5.10
C MET A 200 1.64 3.74 -4.25
N CYS A 201 1.43 5.05 -4.12
CA CYS A 201 2.14 5.84 -3.10
C CYS A 201 1.26 6.92 -2.49
N GLN A 202 1.66 7.34 -1.29
CA GLN A 202 0.92 8.35 -0.55
C GLN A 202 1.83 9.50 -0.16
N PHE A 203 1.50 10.70 -0.59
CA PHE A 203 2.20 11.87 -0.07
C PHE A 203 1.54 12.43 1.16
N TYR A 204 2.33 13.14 1.93
CA TYR A 204 1.89 13.62 3.21
C TYR A 204 2.67 14.87 3.49
N VAL A 205 2.02 15.91 3.96
CA VAL A 205 2.76 17.10 4.36
C VAL A 205 2.62 17.33 5.84
N ASP A 206 3.72 17.48 6.56
CA ASP A 206 3.63 18.05 7.90
C ASP A 206 4.71 19.02 8.27
N ASN A 207 4.31 20.23 8.60
CA ASN A 207 5.26 21.11 9.15
C ASN A 207 6.04 21.62 7.99
N GLY A 208 5.38 21.70 6.84
CA GLY A 208 5.91 22.36 5.67
C GLY A 208 6.96 21.58 4.88
N GLU A 209 7.01 20.27 5.14
CA GLU A 209 7.95 19.35 4.51
C GLU A 209 7.12 18.28 3.83
N LEU A 210 7.54 17.83 2.65
CA LEU A 210 6.78 16.82 1.91
C LEU A 210 7.41 15.45 1.99
N SER A 211 6.54 14.46 2.21
CA SER A 211 6.93 13.09 2.49
C SER A 211 6.21 12.15 1.53
N CYS A 212 6.74 10.93 1.41
CA CYS A 212 6.17 9.92 0.53
C CYS A 212 6.27 8.57 1.20
N GLN A 213 5.15 7.85 1.20
CA GLN A 213 5.17 6.43 1.48
C GLN A 213 4.79 5.63 0.26
N LEU A 214 5.62 4.61 0.03
CA LEU A 214 5.60 3.83 -1.17
C LEU A 214 5.24 2.40 -0.80
N TYR A 215 4.35 1.79 -1.57
CA TYR A 215 4.06 0.39 -1.38
C TYR A 215 4.62 -0.45 -2.53
N GLN A 216 5.54 -1.35 -2.19
CA GLN A 216 6.09 -2.27 -3.17
C GLN A 216 5.64 -3.69 -2.89
N ARG A 217 4.91 -4.24 -3.84
CA ARG A 217 4.36 -5.56 -3.67
C ARG A 217 5.45 -6.61 -3.53
N SER A 218 6.59 -6.38 -4.16
CA SER A 218 7.61 -7.40 -4.28
C SER A 218 8.90 -6.69 -4.66
N GLY A 219 10.02 -7.01 -4.03
CA GLY A 219 11.29 -6.42 -4.45
C GLY A 219 12.57 -7.14 -4.09
N ASP A 220 13.49 -7.23 -5.05
CA ASP A 220 14.83 -7.79 -4.88
C ASP A 220 15.76 -6.80 -4.17
N MET A 221 16.44 -7.22 -3.13
CA MET A 221 17.05 -6.22 -2.28
C MET A 221 18.44 -5.83 -2.72
N GLY A 222 18.96 -6.59 -3.67
CA GLY A 222 20.21 -6.25 -4.33
C GLY A 222 20.03 -5.67 -5.73
N LEU A 223 18.79 -5.51 -6.19
CA LEU A 223 18.64 -4.84 -7.47
C LEU A 223 17.52 -3.84 -7.56
N GLY A 224 16.29 -4.32 -7.49
CA GLY A 224 15.12 -3.45 -7.55
C GLY A 224 14.82 -2.62 -6.32
N VAL A 225 14.98 -3.14 -5.13
CA VAL A 225 14.53 -2.34 -4.02
C VAL A 225 15.38 -1.07 -3.97
N PRO A 226 16.69 -1.21 -4.17
CA PRO A 226 17.59 -0.08 -4.21
C PRO A 226 17.38 0.97 -5.30
N PHE A 227 16.94 0.53 -6.47
CA PHE A 227 16.64 1.36 -7.64
C PHE A 227 15.31 2.04 -7.44
N ASN A 228 14.38 1.32 -6.84
CA ASN A 228 13.07 1.84 -6.52
C ASN A 228 13.09 2.90 -5.46
N LEU A 229 13.99 2.70 -4.50
CA LEU A 229 14.20 3.62 -3.41
C LEU A 229 14.61 4.97 -3.93
N ALA A 230 15.52 4.95 -4.90
CA ALA A 230 16.09 6.15 -5.51
C ALA A 230 15.14 6.86 -6.47
N SER A 231 14.26 6.10 -7.10
CA SER A 231 13.27 6.62 -8.01
C SER A 231 12.25 7.44 -7.24
N TYR A 232 11.77 6.90 -6.13
CA TYR A 232 10.78 7.60 -5.34
C TYR A 232 11.33 8.75 -4.50
N GLY A 233 12.61 8.71 -4.15
CA GLY A 233 13.26 9.87 -3.55
C GLY A 233 13.35 11.05 -4.51
N LEU A 234 13.71 10.75 -5.75
CA LEU A 234 13.78 11.77 -6.80
C LEU A 234 12.42 12.37 -7.05
N LEU A 235 11.38 11.56 -7.00
CA LEU A 235 10.03 12.04 -7.23
C LEU A 235 9.58 13.05 -6.17
N THR A 236 9.90 12.74 -4.93
CA THR A 236 9.55 13.58 -3.81
C THR A 236 10.34 14.89 -3.87
N HIS A 237 11.60 14.85 -4.28
CA HIS A 237 12.36 16.08 -4.47
C HIS A 237 11.79 16.95 -5.59
N MET A 238 11.35 16.29 -6.65
CA MET A 238 10.80 16.98 -7.81
C MET A 238 9.45 17.58 -7.48
N ILE A 239 8.61 16.79 -6.82
CA ILE A 239 7.26 17.21 -6.49
C ILE A 239 7.28 18.35 -5.47
N ALA A 240 8.24 18.32 -4.56
CA ALA A 240 8.40 19.39 -3.56
C ALA A 240 8.79 20.73 -4.17
N LYS A 241 9.75 20.72 -5.07
CA LYS A 241 10.20 21.94 -5.69
C LYS A 241 9.02 22.63 -6.37
N VAL A 242 8.15 21.81 -6.94
CA VAL A 242 6.95 22.28 -7.63
C VAL A 242 5.90 22.89 -6.70
N CYS A 243 5.76 22.34 -5.51
CA CYS A 243 4.76 22.85 -4.59
C CYS A 243 5.35 23.76 -3.54
N GLY A 244 6.65 24.01 -3.64
CA GLY A 244 7.28 25.05 -2.83
C GLY A 244 7.52 24.59 -1.42
N LEU A 245 7.81 23.31 -1.27
CA LEU A 245 8.04 22.72 0.02
C LEU A 245 9.45 22.17 0.10
N LYS A 246 9.92 21.99 1.33
CA LYS A 246 11.18 21.33 1.62
C LYS A 246 10.87 19.85 1.74
N PRO A 247 11.76 18.99 1.25
CA PRO A 247 11.48 17.55 1.33
C PRO A 247 11.67 16.95 2.73
N GLY A 248 10.98 15.85 3.01
CA GLY A 248 10.94 15.33 4.36
C GLY A 248 11.52 13.94 4.51
N THR A 249 10.66 12.94 4.40
CA THR A 249 11.05 11.57 4.62
C THR A 249 10.33 10.68 3.63
N LEU A 250 11.06 9.69 3.12
CA LEU A 250 10.47 8.60 2.34
C LEU A 250 10.32 7.34 3.18
N VAL A 251 9.11 6.79 3.22
CA VAL A 251 8.83 5.55 3.94
C VAL A 251 8.76 4.41 2.93
N HIS A 252 9.57 3.38 3.12
CA HIS A 252 9.55 2.32 2.14
C HIS A 252 8.98 1.07 2.73
N THR A 253 7.77 0.74 2.31
CA THR A 253 7.10 -0.44 2.81
C THR A 253 7.17 -1.56 1.79
N LEU A 254 7.67 -2.71 2.21
CA LEU A 254 7.77 -3.84 1.30
C LEU A 254 6.78 -4.91 1.65
N GLY A 255 6.19 -5.47 0.61
CA GLY A 255 5.29 -6.62 0.72
C GLY A 255 6.01 -7.95 0.75
N ASP A 256 6.78 -8.24 -0.30
CA ASP A 256 7.67 -9.40 -0.33
C ASP A 256 9.09 -8.96 -0.54
N ALA A 257 9.80 -8.82 0.57
CA ALA A 257 11.16 -8.32 0.56
C ALA A 257 12.06 -9.53 0.55
N HIS A 258 12.72 -9.74 -0.58
CA HIS A 258 13.43 -10.99 -0.77
C HIS A 258 14.83 -10.82 -1.29
N VAL A 259 15.56 -11.91 -1.23
CA VAL A 259 16.96 -11.96 -1.58
C VAL A 259 17.10 -13.18 -2.49
N TYR A 260 17.88 -13.07 -3.56
CA TYR A 260 18.21 -14.28 -4.30
C TYR A 260 19.30 -15.01 -3.55
N SER A 261 19.12 -16.31 -3.35
CA SER A 261 19.99 -17.04 -2.44
C SER A 261 21.34 -17.38 -3.08
N ASN A 262 21.43 -17.14 -4.39
CA ASN A 262 22.71 -17.28 -5.08
C ASN A 262 23.42 -15.93 -5.26
N HIS A 263 23.10 -14.99 -4.38
CA HIS A 263 23.99 -13.86 -4.13
C HIS A 263 24.24 -13.60 -2.68
N VAL A 264 24.12 -14.61 -1.82
CA VAL A 264 24.40 -14.42 -0.41
C VAL A 264 25.85 -14.01 -0.22
N ASP A 265 26.71 -14.55 -1.07
CA ASP A 265 28.11 -14.25 -0.95
C ASP A 265 28.38 -12.79 -1.20
N ALA A 266 27.74 -12.24 -2.22
CA ALA A 266 27.84 -10.82 -2.55
C ALA A 266 27.19 -9.91 -1.52
N LEU A 267 26.03 -10.33 -1.01
CA LEU A 267 25.29 -9.54 -0.04
C LEU A 267 25.99 -9.58 1.31
N LYS A 268 26.74 -10.66 1.53
CA LYS A 268 27.58 -10.80 2.72
C LYS A 268 28.79 -9.86 2.72
N ILE A 269 29.41 -9.69 1.56
CA ILE A 269 30.47 -8.72 1.46
C ILE A 269 29.88 -7.34 1.67
N GLN A 270 28.78 -7.06 0.99
CA GLN A 270 28.22 -5.72 0.93
C GLN A 270 27.74 -5.26 2.29
N LEU A 271 27.31 -6.23 3.08
CA LEU A 271 26.86 -6.01 4.42
C LEU A 271 28.02 -5.59 5.33
N ASP A 272 29.25 -5.74 4.83
CA ASP A 272 30.45 -5.46 5.63
C ASP A 272 31.16 -4.18 5.27
N ARG A 273 30.55 -3.42 4.37
CA ARG A 273 31.11 -2.19 3.87
C ARG A 273 30.42 -1.07 4.60
N GLU A 274 31.20 -0.18 5.21
CA GLU A 274 30.65 0.99 5.90
C GLU A 274 30.15 2.04 4.90
N PRO A 275 28.87 2.44 4.99
CA PRO A 275 28.37 3.32 3.94
C PRO A 275 28.97 4.72 3.98
N TYR A 276 28.94 5.38 2.83
CA TYR A 276 29.29 6.78 2.73
C TYR A 276 28.03 7.57 2.91
N ALA A 277 28.12 8.88 2.77
CA ALA A 277 26.92 9.69 2.83
C ALA A 277 26.19 9.58 1.50
N PHE A 278 24.89 9.81 1.54
CA PHE A 278 24.09 9.87 0.34
C PHE A 278 24.44 11.13 -0.43
N PRO A 279 24.33 11.07 -1.76
CA PRO A 279 24.44 12.21 -2.69
C PRO A 279 23.35 13.24 -2.46
N LYS A 280 23.44 14.38 -3.12
CA LYS A 280 22.40 15.38 -2.98
C LYS A 280 21.85 15.66 -4.34
N ILE A 281 20.57 16.04 -4.41
CA ILE A 281 20.05 16.45 -5.70
C ILE A 281 20.01 17.96 -5.83
N ARG A 282 20.42 18.43 -7.00
CA ARG A 282 20.42 19.84 -7.26
C ARG A 282 19.62 20.11 -8.53
N PHE A 283 18.71 21.04 -8.48
CA PHE A 283 17.93 21.32 -9.65
C PHE A 283 18.50 22.62 -10.17
N THR A 284 19.00 22.61 -11.40
CA THR A 284 19.85 23.71 -11.84
C THR A 284 19.13 24.86 -12.52
N ARG A 285 17.82 24.72 -12.71
CA ARG A 285 16.99 25.83 -13.15
C ARG A 285 15.57 25.69 -12.64
N ASP A 286 14.74 26.71 -12.87
CA ASP A 286 13.36 26.72 -12.41
C ASP A 286 12.49 25.80 -13.24
N VAL A 287 11.43 25.27 -12.63
CA VAL A 287 10.48 24.42 -13.35
C VAL A 287 9.06 25.02 -13.39
N ALA A 288 8.41 24.92 -14.55
CA ALA A 288 7.01 25.36 -14.68
C ALA A 288 5.99 24.42 -14.03
N SER A 289 6.22 23.11 -14.13
CA SER A 289 5.29 22.11 -13.61
C SER A 289 6.09 20.85 -13.36
N ILE A 290 5.42 19.73 -13.07
CA ILE A 290 6.09 18.43 -12.87
C ILE A 290 6.40 17.80 -14.23
N ASP A 291 5.92 18.44 -15.28
CA ASP A 291 6.19 18.04 -16.64
C ASP A 291 7.38 18.77 -17.23
N ASP A 292 8.09 19.52 -16.40
CA ASP A 292 9.16 20.40 -16.89
C ASP A 292 10.56 20.08 -16.35
N PHE A 293 10.81 18.85 -15.96
CA PHE A 293 12.19 18.41 -15.67
C PHE A 293 12.87 17.76 -16.90
N THR A 294 14.20 17.71 -16.88
CA THR A 294 14.95 17.04 -17.94
C THR A 294 16.24 16.48 -17.41
N SER A 295 16.97 15.77 -18.25
CA SER A 295 18.11 15.05 -17.78
C SER A 295 19.16 16.03 -17.30
N ASP A 296 19.27 17.14 -18.03
CA ASP A 296 20.43 17.99 -17.90
C ASP A 296 20.25 19.04 -16.81
N MET A 297 19.12 19.03 -16.14
CA MET A 297 18.90 20.01 -15.08
C MET A 297 18.77 19.38 -13.69
N ILE A 298 18.99 18.07 -13.65
CA ILE A 298 19.00 17.32 -12.41
C ILE A 298 20.42 16.83 -12.16
N ALA A 299 21.06 17.40 -11.15
CA ALA A 299 22.47 17.14 -10.86
C ALA A 299 22.59 16.28 -9.63
N LEU A 300 23.44 15.27 -9.69
CA LEU A 300 23.66 14.46 -8.52
C LEU A 300 25.05 14.80 -8.00
N ASP A 301 25.15 15.35 -6.80
CA ASP A 301 26.46 15.81 -6.33
C ASP A 301 27.04 14.85 -5.34
N ASP A 302 28.29 14.46 -5.58
CA ASP A 302 29.07 13.59 -4.68
C ASP A 302 28.45 12.21 -4.44
N TYR A 303 28.22 11.48 -5.51
CA TYR A 303 27.74 10.13 -5.35
C TYR A 303 28.94 9.25 -5.17
N LYS A 304 29.24 8.99 -3.92
CA LYS A 304 30.48 8.37 -3.53
C LYS A 304 30.13 6.92 -3.31
N CYS A 305 30.83 6.01 -3.99
CA CYS A 305 30.41 4.63 -4.05
C CYS A 305 31.54 3.67 -3.79
N HIS A 306 31.20 2.49 -3.28
CA HIS A 306 32.21 1.45 -3.05
C HIS A 306 32.56 0.79 -4.38
N PRO A 307 33.67 0.01 -4.41
CA PRO A 307 34.03 -0.63 -5.67
C PRO A 307 33.01 -1.65 -6.13
N LYS A 308 32.89 -1.80 -7.45
CA LYS A 308 31.84 -2.60 -8.05
C LYS A 308 32.03 -4.05 -7.65
N ILE A 309 30.95 -4.67 -7.19
CA ILE A 309 30.99 -5.95 -6.48
C ILE A 309 31.18 -7.14 -7.41
N PRO A 310 31.96 -8.12 -6.94
CA PRO A 310 32.37 -9.29 -7.71
C PRO A 310 31.29 -10.23 -8.24
N MET A 311 30.40 -10.72 -7.40
CA MET A 311 29.61 -11.87 -7.80
C MET A 311 28.24 -11.56 -8.36
N ASP A 312 27.75 -10.33 -8.21
CA ASP A 312 26.38 -10.13 -8.63
C ASP A 312 25.66 -8.94 -8.05
N GLN B 24 8.68 -9.05 30.32
CA GLN B 24 8.89 -9.10 28.85
C GLN B 24 8.29 -10.40 28.31
N VAL B 25 7.71 -11.17 29.20
CA VAL B 25 6.78 -12.19 28.78
C VAL B 25 5.41 -11.58 28.90
N HIS B 26 4.77 -11.44 27.77
CA HIS B 26 3.49 -10.84 27.73
C HIS B 26 2.74 -11.96 27.12
N LEU B 27 1.60 -12.28 27.71
CA LEU B 27 0.74 -13.29 27.14
C LEU B 27 0.38 -12.84 25.72
N ASN B 28 -0.04 -11.60 25.60
CA ASN B 28 -0.37 -11.08 24.30
C ASN B 28 0.69 -10.10 23.89
N GLN B 29 1.70 -10.57 23.19
CA GLN B 29 2.78 -9.70 22.76
C GLN B 29 2.37 -8.80 21.60
N ASP B 30 1.56 -9.33 20.70
CA ASP B 30 1.15 -8.60 19.51
C ASP B 30 0.34 -7.37 19.84
N GLU B 31 -0.48 -7.45 20.87
CA GLU B 31 -1.18 -6.29 21.34
C GLU B 31 -0.39 -5.48 22.30
N TYR B 32 0.54 -6.06 23.05
CA TYR B 32 1.36 -5.21 23.89
C TYR B 32 2.02 -4.22 22.95
N LYS B 33 2.28 -4.65 21.71
CA LYS B 33 2.90 -3.79 20.72
C LYS B 33 2.00 -2.61 20.38
N TYR B 34 0.70 -2.88 20.24
CA TYR B 34 -0.28 -1.84 19.92
C TYR B 34 -0.17 -0.68 20.91
N LEU B 35 0.01 -1.00 22.18
CA LEU B 35 0.14 0.01 23.22
C LEU B 35 1.33 0.91 22.95
N LYS B 36 2.47 0.31 22.63
CA LYS B 36 3.68 1.05 22.32
C LYS B 36 3.51 1.89 21.07
N GLN B 37 2.80 1.34 20.09
CA GLN B 37 2.55 2.02 18.85
C GLN B 37 1.90 3.32 19.15
N VAL B 38 0.89 3.26 19.98
CA VAL B 38 0.20 4.45 20.40
C VAL B 38 1.19 5.29 21.19
N GLU B 39 1.91 4.64 22.10
CA GLU B 39 2.79 5.36 22.99
C GLU B 39 3.85 6.11 22.21
N GLN B 40 4.35 5.49 21.15
CA GLN B 40 5.28 6.17 20.28
C GLN B 40 4.65 7.33 19.52
N ILE B 41 3.37 7.23 19.16
CA ILE B 41 2.74 8.40 18.54
C ILE B 41 2.63 9.51 19.58
N LEU B 42 2.36 9.12 20.82
CA LEU B 42 2.17 10.09 21.89
C LEU B 42 3.43 10.88 22.12
N ARG B 43 4.56 10.17 22.17
CA ARG B 43 5.80 10.81 22.54
C ARG B 43 6.74 11.17 21.39
N GLU B 44 6.41 10.78 20.16
CA GLU B 44 7.33 11.06 19.06
C GLU B 44 6.65 11.75 17.92
N GLY B 45 5.36 12.03 18.12
CA GLY B 45 4.46 12.38 17.03
C GLY B 45 4.34 13.84 16.70
N THR B 46 3.63 14.11 15.62
CA THR B 46 3.59 15.44 15.09
C THR B 46 2.20 16.04 15.26
N ARG B 47 2.17 17.20 15.91
CA ARG B 47 0.90 17.82 16.23
C ARG B 47 0.31 18.60 15.07
N ARG B 48 -1.00 18.63 15.03
CA ARG B 48 -1.76 19.23 13.98
C ARG B 48 -2.96 19.61 14.81
N ASP B 49 -2.82 20.67 15.60
CA ASP B 49 -3.83 21.06 16.58
C ASP B 49 -4.98 21.87 15.99
N ASP B 50 -6.12 21.86 16.66
CA ASP B 50 -7.19 22.77 16.27
C ASP B 50 -7.86 23.38 17.49
N ARG B 51 -8.58 24.46 17.28
CA ARG B 51 -9.15 25.15 18.41
C ARG B 51 -10.21 24.25 18.97
N THR B 52 -10.87 23.57 18.04
CA THR B 52 -12.23 23.15 18.18
C THR B 52 -12.36 21.67 18.49
N GLY B 53 -11.38 21.12 19.18
CA GLY B 53 -11.48 19.80 19.81
C GLY B 53 -11.26 18.51 19.01
N THR B 54 -10.62 18.62 17.84
CA THR B 54 -10.43 17.47 16.96
C THR B 54 -8.98 17.27 16.51
N GLY B 55 -8.04 17.67 17.38
CA GLY B 55 -6.65 17.77 16.99
C GLY B 55 -5.95 16.43 17.11
N THR B 56 -4.99 16.19 16.22
CA THR B 56 -4.35 14.90 16.14
C THR B 56 -2.88 14.96 16.52
N ILE B 57 -2.33 13.86 16.99
CA ILE B 57 -0.89 13.74 17.11
C ILE B 57 -0.61 12.56 16.20
N SER B 58 0.37 12.70 15.30
CA SER B 58 0.43 11.78 14.16
C SER B 58 1.82 11.30 13.80
N ILE B 59 1.92 10.04 13.39
CA ILE B 59 3.15 9.54 12.80
C ILE B 59 2.95 9.00 11.39
N PHE B 60 3.76 9.49 10.45
CA PHE B 60 3.66 8.98 9.08
C PHE B 60 4.65 7.85 8.78
N GLY B 61 4.09 6.66 8.60
CA GLY B 61 4.85 5.46 8.31
C GLY B 61 4.94 4.59 9.55
N MET B 62 4.13 3.53 9.60
CA MET B 62 4.15 2.56 10.69
C MET B 62 3.81 1.14 10.25
N GLN B 63 4.38 0.16 10.92
CA GLN B 63 4.09 -1.22 10.58
C GLN B 63 4.02 -2.15 11.79
N SER B 64 3.14 -3.14 11.68
CA SER B 64 2.73 -3.98 12.79
C SER B 64 2.39 -5.36 12.27
N LYS B 65 2.75 -6.41 12.99
CA LYS B 65 2.42 -7.77 12.57
C LYS B 65 1.66 -8.48 13.67
N TYR B 66 0.75 -9.38 13.27
CA TYR B 66 -0.07 -10.14 14.22
C TYR B 66 -0.14 -11.61 13.87
N CYS B 67 0.03 -12.47 14.86
CA CYS B 67 -0.11 -13.89 14.58
C CYS B 67 -1.57 -14.34 14.44
N LEU B 68 -1.86 -15.12 13.40
CA LEU B 68 -3.21 -15.55 13.16
C LEU B 68 -3.32 -17.04 13.29
N ARG B 69 -2.32 -17.66 13.89
CA ARG B 69 -2.27 -19.11 13.91
C ARG B 69 -3.17 -19.72 14.95
N ASN B 70 -3.60 -20.95 14.70
CA ASN B 70 -4.41 -21.70 15.67
C ASN B 70 -5.69 -20.99 16.09
N GLY B 71 -6.33 -20.31 15.15
CA GLY B 71 -7.60 -19.63 15.40
C GLY B 71 -7.58 -18.15 15.77
N THR B 72 -6.39 -17.57 15.97
CA THR B 72 -6.30 -16.25 16.56
C THR B 72 -6.74 -15.10 15.66
N ILE B 73 -7.31 -14.08 16.28
CA ILE B 73 -7.78 -12.94 15.55
C ILE B 73 -7.59 -11.71 16.44
N PRO B 74 -6.87 -10.69 15.93
CA PRO B 74 -6.44 -9.55 16.73
C PRO B 74 -7.56 -8.60 17.10
N LEU B 75 -8.47 -9.03 17.96
CA LEU B 75 -9.47 -8.14 18.51
C LEU B 75 -9.00 -7.70 19.87
N LEU B 76 -8.82 -6.40 20.03
CA LEU B 76 -8.11 -5.83 21.17
C LEU B 76 -8.85 -6.05 22.46
N THR B 77 -8.08 -6.32 23.51
CA THR B 77 -8.63 -6.68 24.79
C THR B 77 -8.59 -5.52 25.77
N THR B 78 -7.72 -4.55 25.50
CA THR B 78 -7.53 -3.42 26.39
C THR B 78 -8.60 -2.35 26.22
N LYS B 79 -9.12 -2.23 25.02
CA LYS B 79 -10.34 -1.48 24.76
C LYS B 79 -11.11 -2.35 23.80
N ARG B 80 -12.39 -2.49 24.03
CA ARG B 80 -13.22 -3.39 23.24
C ARG B 80 -13.54 -2.87 21.84
N VAL B 81 -13.65 -3.81 20.91
CA VAL B 81 -13.93 -3.50 19.53
C VAL B 81 -15.33 -4.01 19.24
N TYR B 82 -16.00 -3.36 18.30
CA TYR B 82 -17.37 -3.67 17.99
C TYR B 82 -17.38 -4.84 16.99
N TRP B 83 -17.53 -6.06 17.48
CA TRP B 83 -17.40 -7.26 16.65
C TRP B 83 -18.59 -7.46 15.73
N LYS B 84 -19.77 -7.08 16.23
CA LYS B 84 -21.00 -7.20 15.46
C LYS B 84 -20.89 -6.33 14.21
N GLY B 85 -20.20 -5.21 14.38
CA GLY B 85 -19.89 -4.30 13.29
C GLY B 85 -18.80 -4.82 12.40
N VAL B 86 -17.74 -5.31 13.00
CA VAL B 86 -16.72 -5.90 12.19
C VAL B 86 -17.33 -7.01 11.35
N LEU B 87 -18.09 -7.91 11.97
CA LEU B 87 -18.59 -9.12 11.30
C LEU B 87 -19.58 -8.82 10.18
N GLU B 88 -20.59 -8.04 10.53
CA GLU B 88 -21.67 -7.69 9.63
C GLU B 88 -21.21 -6.89 8.44
N GLU B 89 -20.35 -5.91 8.68
CA GLU B 89 -19.83 -5.08 7.60
C GLU B 89 -18.85 -5.82 6.69
N LEU B 90 -18.05 -6.75 7.19
CA LEU B 90 -17.18 -7.45 6.26
C LEU B 90 -17.95 -8.38 5.34
N LEU B 91 -18.99 -9.02 5.88
CA LEU B 91 -19.85 -9.90 5.11
C LEU B 91 -20.54 -9.13 4.00
N TRP B 92 -20.83 -7.87 4.30
CA TRP B 92 -21.53 -6.93 3.43
C TRP B 92 -20.62 -6.42 2.32
N PHE B 93 -19.33 -6.21 2.63
CA PHE B 93 -18.41 -5.74 1.59
C PHE B 93 -18.30 -6.76 0.48
N ILE B 94 -18.21 -8.03 0.91
CA ILE B 94 -17.91 -9.19 0.10
C ILE B 94 -19.08 -9.46 -0.82
N SER B 95 -20.26 -9.25 -0.28
CA SER B 95 -21.45 -9.49 -1.05
C SER B 95 -21.46 -8.59 -2.29
N GLY B 96 -20.70 -7.49 -2.23
CA GLY B 96 -20.60 -6.53 -3.34
C GLY B 96 -21.53 -5.34 -3.22
N SER B 97 -22.21 -5.29 -2.08
CA SER B 97 -23.32 -4.40 -1.86
C SER B 97 -22.89 -2.96 -1.61
N THR B 98 -23.78 -2.04 -1.94
CA THR B 98 -23.52 -0.63 -1.76
C THR B 98 -24.69 0.07 -1.11
N ASP B 99 -25.62 -0.73 -0.59
CA ASP B 99 -26.82 -0.25 0.08
C ASP B 99 -26.63 -0.36 1.59
N GLY B 100 -26.42 0.77 2.26
CA GLY B 100 -26.23 0.79 3.71
C GLY B 100 -27.51 0.49 4.48
N LYS B 101 -28.63 0.42 3.75
CA LYS B 101 -29.90 0.03 4.32
C LYS B 101 -29.92 -1.44 4.69
N LEU B 102 -29.17 -2.25 3.94
CA LEU B 102 -28.99 -3.68 4.24
C LEU B 102 -28.16 -3.85 5.48
N LEU B 103 -27.16 -3.00 5.59
CA LEU B 103 -26.30 -3.03 6.73
C LEU B 103 -27.10 -2.65 7.96
N MET B 104 -28.03 -1.72 7.79
CA MET B 104 -28.83 -1.21 8.90
C MET B 104 -29.89 -2.19 9.38
N GLU B 105 -30.42 -2.99 8.45
CA GLU B 105 -31.48 -3.91 8.77
C GLU B 105 -31.00 -4.82 9.85
N LYS B 106 -29.68 -4.93 9.95
CA LYS B 106 -29.09 -5.76 10.99
C LYS B 106 -28.68 -5.00 12.24
N ASN B 107 -29.03 -3.72 12.30
CA ASN B 107 -28.74 -2.87 13.47
C ASN B 107 -27.24 -2.61 13.62
N VAL B 108 -26.56 -2.42 12.50
CA VAL B 108 -25.20 -1.95 12.53
C VAL B 108 -25.25 -0.56 11.90
N LYS B 109 -24.80 0.44 12.66
CA LYS B 109 -25.09 1.81 12.31
C LYS B 109 -23.89 2.60 11.90
N ILE B 110 -22.82 1.93 11.52
CA ILE B 110 -21.58 2.63 11.22
C ILE B 110 -21.60 3.44 9.93
N TRP B 111 -22.38 3.01 8.95
CA TRP B 111 -22.46 3.74 7.69
C TRP B 111 -23.67 4.66 7.60
N GLU B 112 -24.40 4.81 8.71
CA GLU B 112 -25.68 5.53 8.72
C GLU B 112 -25.55 7.02 8.43
N LYS B 113 -24.52 7.64 9.00
CA LYS B 113 -24.23 9.05 8.81
C LYS B 113 -23.92 9.38 7.36
N ASN B 114 -23.27 8.46 6.66
CA ASN B 114 -22.79 8.77 5.32
C ASN B 114 -23.77 8.40 4.23
N GLY B 115 -24.89 7.83 4.62
CA GLY B 115 -25.87 7.38 3.65
C GLY B 115 -27.21 8.08 3.79
N ASP B 116 -27.43 8.78 4.89
CA ASP B 116 -28.73 9.42 5.02
C ASP B 116 -28.69 10.68 4.15
N ARG B 117 -29.84 11.31 3.96
CA ARG B 117 -30.03 12.28 2.87
C ARG B 117 -29.39 13.66 2.97
N ALA B 118 -29.06 14.12 4.17
CA ALA B 118 -28.38 15.40 4.30
C ALA B 118 -26.95 15.29 3.76
N PHE B 119 -26.37 14.11 3.89
CA PHE B 119 -25.04 13.82 3.38
C PHE B 119 -25.03 13.76 1.85
N LEU B 120 -26.01 13.09 1.28
CA LEU B 120 -26.03 12.85 -0.15
C LEU B 120 -26.12 14.12 -0.91
N ASP B 121 -26.99 14.99 -0.42
CA ASP B 121 -27.24 16.26 -1.08
C ASP B 121 -26.11 17.25 -0.92
N ASN B 122 -25.46 17.26 0.24
CA ASN B 122 -24.33 18.14 0.50
C ASN B 122 -23.10 17.74 -0.30
N LEU B 123 -23.18 16.57 -0.93
CA LEU B 123 -22.14 16.07 -1.80
C LEU B 123 -22.54 16.21 -3.27
N GLY B 124 -23.78 16.66 -3.48
CA GLY B 124 -24.35 16.85 -4.81
C GLY B 124 -25.03 15.61 -5.38
N PHE B 125 -25.17 14.57 -4.55
CA PHE B 125 -25.70 13.29 -5.00
C PHE B 125 -27.21 13.26 -4.90
N THR B 126 -27.83 14.14 -5.64
CA THR B 126 -29.22 14.48 -5.42
C THR B 126 -30.20 13.68 -6.25
N SER B 127 -29.68 12.76 -7.06
CA SER B 127 -30.56 11.83 -7.76
C SER B 127 -30.51 10.47 -7.13
N ARG B 128 -29.99 10.42 -5.91
CA ARG B 128 -29.64 9.20 -5.21
C ARG B 128 -30.58 8.91 -4.04
N GLU B 129 -31.01 7.66 -3.87
CA GLU B 129 -31.91 7.31 -2.75
C GLU B 129 -31.11 7.16 -1.44
N GLU B 130 -31.77 7.22 -0.29
CA GLU B 130 -31.03 7.04 0.96
C GLU B 130 -30.24 5.74 0.93
N GLY B 131 -28.99 5.81 1.37
CA GLY B 131 -28.17 4.62 1.47
C GLY B 131 -27.47 4.17 0.20
N ASP B 132 -27.58 4.93 -0.89
CA ASP B 132 -26.81 4.61 -2.06
C ASP B 132 -25.46 5.23 -1.79
N LEU B 133 -24.50 4.40 -1.44
CA LEU B 133 -23.25 4.90 -0.91
C LEU B 133 -22.33 5.16 -2.05
N GLY B 134 -22.74 4.68 -3.22
CA GLY B 134 -21.94 4.74 -4.42
C GLY B 134 -20.98 3.58 -4.53
N PRO B 135 -20.02 3.71 -5.43
CA PRO B 135 -19.11 2.61 -5.68
C PRO B 135 -18.00 2.45 -4.64
N VAL B 136 -18.39 2.25 -3.39
CA VAL B 136 -17.45 2.10 -2.30
C VAL B 136 -16.95 0.67 -2.32
N TYR B 137 -16.33 0.22 -1.24
CA TYR B 137 -15.57 -1.02 -1.21
C TYR B 137 -16.07 -2.25 -1.91
N GLY B 138 -17.35 -2.57 -1.75
CA GLY B 138 -17.91 -3.77 -2.36
C GLY B 138 -18.02 -3.70 -3.88
N PHE B 139 -18.27 -2.51 -4.39
CA PHE B 139 -18.34 -2.37 -5.82
C PHE B 139 -16.94 -2.51 -6.41
N GLN B 140 -15.94 -2.01 -5.72
CA GLN B 140 -14.56 -2.14 -6.17
C GLN B 140 -14.07 -3.56 -6.06
N TRP B 141 -14.36 -4.18 -4.93
CA TRP B 141 -13.83 -5.49 -4.65
C TRP B 141 -14.28 -6.53 -5.64
N ARG B 142 -15.51 -6.42 -6.14
CA ARG B 142 -16.07 -7.45 -7.06
C ARG B 142 -16.41 -7.01 -8.47
N HIS B 143 -16.39 -5.72 -8.78
CA HIS B 143 -16.66 -5.29 -10.16
C HIS B 143 -15.83 -4.07 -10.51
N PHE B 144 -14.52 -4.14 -10.31
CA PHE B 144 -13.66 -2.97 -10.52
C PHE B 144 -13.70 -2.59 -11.99
N GLY B 145 -14.01 -1.33 -12.26
CA GLY B 145 -14.03 -0.81 -13.63
C GLY B 145 -15.37 -0.89 -14.33
N ALA B 146 -16.35 -1.50 -13.68
CA ALA B 146 -17.72 -1.53 -14.18
C ALA B 146 -18.31 -0.13 -14.07
N LYS B 147 -19.37 0.12 -14.83
CA LYS B 147 -20.00 1.43 -14.83
C LYS B 147 -21.07 1.49 -13.76
N TYR B 148 -20.90 2.40 -12.81
CA TYR B 148 -21.82 2.46 -11.67
C TYR B 148 -23.08 3.26 -11.98
N VAL B 149 -24.22 2.68 -11.63
CA VAL B 149 -25.49 3.29 -11.88
C VAL B 149 -26.16 3.51 -10.54
N ASP B 150 -26.59 2.43 -9.89
CA ASP B 150 -27.12 2.53 -8.52
C ASP B 150 -26.91 1.25 -7.71
N CYS B 151 -27.51 1.19 -6.53
CA CYS B 151 -27.22 0.11 -5.60
C CYS B 151 -28.24 -1.02 -5.69
N HIS B 152 -29.16 -0.88 -6.64
CA HIS B 152 -30.13 -1.93 -6.91
C HIS B 152 -29.89 -2.47 -8.30
N THR B 153 -28.65 -2.34 -8.77
CA THR B 153 -28.32 -2.74 -10.12
C THR B 153 -27.51 -4.02 -10.09
N ASP B 154 -27.75 -4.89 -11.06
CA ASP B 154 -27.10 -6.20 -11.17
C ASP B 154 -25.83 -6.02 -11.98
N TYR B 155 -24.68 -6.24 -11.38
CA TYR B 155 -23.45 -6.00 -12.11
C TYR B 155 -22.71 -7.27 -12.37
N SER B 156 -23.41 -8.39 -12.31
CA SER B 156 -22.79 -9.67 -12.41
C SER B 156 -22.18 -9.84 -13.78
N GLY B 157 -20.87 -10.07 -13.81
CA GLY B 157 -20.13 -10.23 -15.07
C GLY B 157 -19.52 -8.92 -15.56
N GLN B 158 -19.82 -7.85 -14.86
CA GLN B 158 -19.38 -6.53 -15.23
C GLN B 158 -18.22 -6.16 -14.35
N GLY B 159 -17.09 -5.76 -14.93
CA GLY B 159 -15.96 -5.33 -14.11
C GLY B 159 -15.16 -6.51 -13.61
N VAL B 160 -14.04 -6.25 -12.93
CA VAL B 160 -13.14 -7.32 -12.54
C VAL B 160 -13.42 -7.75 -11.13
N ASP B 161 -13.82 -9.01 -10.97
CA ASP B 161 -14.04 -9.59 -9.65
C ASP B 161 -12.72 -9.93 -8.99
N GLN B 162 -12.28 -9.04 -8.10
CA GLN B 162 -10.95 -9.14 -7.53
C GLN B 162 -10.84 -10.15 -6.42
N LEU B 163 -11.94 -10.40 -5.73
CA LEU B 163 -11.98 -11.42 -4.69
C LEU B 163 -11.94 -12.83 -5.28
N ALA B 164 -12.63 -13.04 -6.39
CA ALA B 164 -12.58 -14.32 -7.12
C ALA B 164 -11.19 -14.61 -7.66
N GLU B 165 -10.59 -13.59 -8.26
CA GLU B 165 -9.22 -13.62 -8.71
C GLU B 165 -8.24 -13.83 -7.55
N VAL B 166 -8.44 -13.18 -6.40
CA VAL B 166 -7.52 -13.45 -5.30
C VAL B 166 -7.57 -14.92 -4.92
N ILE B 167 -8.76 -15.52 -4.89
CA ILE B 167 -8.90 -16.94 -4.54
C ILE B 167 -8.34 -17.88 -5.62
N ARG B 168 -8.56 -17.55 -6.88
CA ARG B 168 -8.05 -18.32 -7.99
C ARG B 168 -6.54 -18.45 -7.97
N GLN B 169 -5.85 -17.34 -7.71
CA GLN B 169 -4.39 -17.32 -7.57
C GLN B 169 -3.88 -18.05 -6.32
N ILE B 170 -4.50 -17.87 -5.16
CA ILE B 170 -3.96 -18.50 -3.95
C ILE B 170 -3.90 -20.01 -4.15
N LYS B 171 -4.78 -20.51 -5.00
CA LYS B 171 -5.00 -21.93 -5.13
C LYS B 171 -4.21 -22.50 -6.27
N GLU B 172 -4.40 -21.90 -7.44
CA GLU B 172 -3.63 -22.27 -8.62
C GLU B 172 -2.19 -21.75 -8.59
N GLN B 173 -1.94 -20.59 -7.98
CA GLN B 173 -0.61 -20.00 -8.02
C GLN B 173 -0.06 -19.52 -6.70
N PRO B 174 0.09 -20.41 -5.70
CA PRO B 174 0.39 -19.96 -4.33
C PRO B 174 1.59 -19.05 -4.21
N ASP B 175 2.54 -19.19 -5.12
CA ASP B 175 3.79 -18.42 -5.07
C ASP B 175 3.70 -16.99 -5.58
N SER B 176 2.56 -16.63 -6.16
CA SER B 176 2.40 -15.34 -6.81
C SER B 176 2.71 -14.20 -5.86
N ARG B 177 3.35 -13.16 -6.37
CA ARG B 177 3.68 -12.02 -5.53
C ARG B 177 2.76 -10.89 -5.91
N ARG B 178 1.68 -11.25 -6.60
CA ARG B 178 0.69 -10.33 -7.17
CA ARG B 178 0.71 -10.24 -7.06
C ARG B 178 -0.74 -10.50 -6.62
N ILE B 179 -0.92 -11.18 -5.50
CA ILE B 179 -2.28 -11.43 -5.03
C ILE B 179 -2.85 -10.21 -4.32
N ILE B 180 -3.40 -9.30 -5.13
CA ILE B 180 -3.76 -7.97 -4.64
C ILE B 180 -5.18 -7.55 -4.98
N MET B 181 -5.92 -7.18 -3.95
CA MET B 181 -7.25 -6.62 -4.10
C MET B 181 -7.18 -5.21 -3.58
N SER B 182 -7.68 -4.26 -4.36
CA SER B 182 -7.53 -2.87 -4.00
C SER B 182 -8.75 -2.04 -4.28
N ALA B 183 -9.14 -1.21 -3.33
CA ALA B 183 -10.37 -0.46 -3.49
C ALA B 183 -10.15 0.97 -3.98
N TRP B 184 -8.93 1.30 -4.35
CA TRP B 184 -8.63 2.63 -4.80
C TRP B 184 -8.82 2.72 -6.30
N ASN B 185 -9.94 3.27 -6.70
CA ASN B 185 -10.26 3.46 -8.09
C ASN B 185 -10.44 4.94 -8.28
N PRO B 186 -9.47 5.62 -8.92
CA PRO B 186 -9.56 7.06 -9.14
C PRO B 186 -10.75 7.56 -9.96
N SER B 187 -11.18 6.75 -10.94
CA SER B 187 -12.34 7.09 -11.77
C SER B 187 -13.64 7.15 -10.98
N ASP B 188 -13.79 6.31 -9.97
CA ASP B 188 -15.04 6.27 -9.23
C ASP B 188 -15.06 7.03 -7.93
N LEU B 189 -13.94 7.64 -7.56
CA LEU B 189 -13.72 8.29 -6.27
C LEU B 189 -14.63 9.44 -5.93
N GLY B 190 -15.07 10.15 -6.97
CA GLY B 190 -15.78 11.39 -6.79
C GLY B 190 -17.24 11.08 -6.58
N GLN B 191 -17.59 9.82 -6.79
CA GLN B 191 -18.97 9.41 -6.69
C GLN B 191 -19.19 8.67 -5.40
N MET B 192 -18.16 8.67 -4.55
CA MET B 192 -18.12 7.88 -3.34
C MET B 192 -18.41 8.76 -2.15
N VAL B 193 -19.24 8.29 -1.23
CA VAL B 193 -19.52 9.07 -0.04
C VAL B 193 -18.29 9.22 0.84
N LEU B 194 -17.46 8.19 0.90
CA LEU B 194 -16.21 8.39 1.56
C LEU B 194 -15.12 7.77 0.73
N PRO B 195 -13.92 8.37 0.77
CA PRO B 195 -12.73 7.75 0.18
C PRO B 195 -12.40 6.50 0.98
N PRO B 196 -11.81 5.50 0.33
CA PRO B 196 -11.36 4.25 0.94
C PRO B 196 -10.26 4.51 1.93
N CYS B 197 -10.39 4.01 3.14
CA CYS B 197 -9.36 4.27 4.11
C CYS B 197 -8.40 3.13 4.03
N HIS B 198 -8.96 1.93 3.95
CA HIS B 198 -8.14 0.76 3.73
C HIS B 198 -8.01 0.54 2.23
N THR B 199 -6.88 0.96 1.68
CA THR B 199 -6.78 1.15 0.22
C THR B 199 -6.54 -0.11 -0.61
N MET B 200 -5.80 -1.07 -0.09
CA MET B 200 -5.62 -2.32 -0.80
C MET B 200 -4.94 -3.30 0.11
N CYS B 201 -4.87 -4.56 -0.31
CA CYS B 201 -4.18 -5.56 0.48
C CYS B 201 -3.45 -6.53 -0.43
N GLN B 202 -2.43 -7.17 0.12
CA GLN B 202 -1.71 -8.17 -0.62
C GLN B 202 -1.91 -9.49 0.11
N PHE B 203 -1.93 -10.59 -0.63
CA PHE B 203 -1.95 -11.88 0.01
C PHE B 203 -0.68 -12.61 -0.39
N TYR B 204 -0.25 -13.51 0.46
CA TYR B 204 1.03 -14.14 0.30
C TYR B 204 0.95 -15.50 0.93
N VAL B 205 1.42 -16.53 0.24
CA VAL B 205 1.49 -17.84 0.84
C VAL B 205 2.92 -18.28 1.02
N ASP B 206 3.29 -18.63 2.24
CA ASP B 206 4.50 -19.38 2.43
C ASP B 206 4.21 -20.49 3.42
N ASN B 207 4.62 -21.70 3.08
CA ASN B 207 4.52 -22.76 4.06
C ASN B 207 3.11 -23.26 4.17
N GLY B 208 2.31 -23.07 3.12
CA GLY B 208 0.89 -23.46 3.17
C GLY B 208 0.15 -22.78 4.32
N GLU B 209 0.61 -21.58 4.66
CA GLU B 209 0.03 -20.73 5.65
C GLU B 209 -0.17 -19.45 4.88
N LEU B 210 -1.30 -18.77 5.10
CA LEU B 210 -1.64 -17.57 4.34
C LEU B 210 -1.67 -16.31 5.19
N SER B 211 -0.91 -15.30 4.79
CA SER B 211 -0.88 -14.04 5.52
C SER B 211 -1.47 -12.92 4.66
N CYS B 212 -1.64 -11.75 5.27
CA CYS B 212 -2.22 -10.61 4.57
C CYS B 212 -1.48 -9.38 5.00
N GLN B 213 -1.11 -8.54 4.03
CA GLN B 213 -0.65 -7.21 4.38
C GLN B 213 -1.62 -6.15 3.90
N LEU B 214 -2.01 -5.30 4.83
CA LEU B 214 -3.04 -4.31 4.61
C LEU B 214 -2.43 -2.94 4.46
N TYR B 215 -2.90 -2.15 3.50
CA TYR B 215 -2.47 -0.76 3.47
C TYR B 215 -3.61 0.18 3.85
N GLN B 216 -3.38 0.97 4.89
CA GLN B 216 -4.32 1.97 5.34
C GLN B 216 -3.74 3.38 5.23
N ARG B 217 -4.33 4.17 4.34
CA ARG B 217 -3.87 5.53 4.10
C ARG B 217 -3.88 6.39 5.35
N SER B 218 -4.85 6.16 6.22
CA SER B 218 -5.12 7.01 7.36
C SER B 218 -5.81 6.17 8.43
N GLY B 219 -5.63 6.48 9.70
CA GLY B 219 -6.33 5.73 10.76
C GLY B 219 -6.28 6.22 12.21
N ASP B 220 -7.41 6.17 12.89
CA ASP B 220 -7.57 6.51 14.30
C ASP B 220 -7.16 5.35 15.19
N MET B 221 -6.25 5.54 16.12
CA MET B 221 -5.60 4.42 16.70
C MET B 221 -6.33 3.81 17.82
N GLY B 222 -7.44 4.45 18.16
CA GLY B 222 -8.31 4.00 19.20
C GLY B 222 -9.73 3.77 18.75
N LEU B 223 -10.03 3.86 17.47
CA LEU B 223 -11.34 3.50 16.99
C LEU B 223 -11.30 2.75 15.72
N GLY B 224 -10.61 3.26 14.74
CA GLY B 224 -10.63 2.61 13.46
C GLY B 224 -9.55 1.63 13.12
N VAL B 225 -8.40 1.77 13.73
CA VAL B 225 -7.32 0.90 13.39
C VAL B 225 -7.57 -0.42 14.05
N PRO B 226 -8.31 -0.42 15.12
CA PRO B 226 -8.59 -1.65 15.80
C PRO B 226 -9.78 -2.37 15.25
N PHE B 227 -10.71 -1.65 14.66
CA PHE B 227 -11.82 -2.22 13.91
C PHE B 227 -11.33 -2.78 12.59
N ASN B 228 -10.37 -2.07 12.03
CA ASN B 228 -9.79 -2.46 10.79
C ASN B 228 -8.94 -3.67 10.90
N LEU B 229 -8.24 -3.79 12.02
CA LEU B 229 -7.39 -4.92 12.29
C LEU B 229 -8.18 -6.19 12.31
N ALA B 230 -9.31 -6.13 13.00
CA ALA B 230 -10.16 -7.28 13.16
C ALA B 230 -10.83 -7.69 11.85
N SER B 231 -11.17 -6.71 11.02
CA SER B 231 -11.87 -6.98 9.76
C SER B 231 -11.00 -7.78 8.81
N TYR B 232 -9.77 -7.32 8.60
CA TYR B 232 -8.82 -7.99 7.72
C TYR B 232 -8.27 -9.31 8.26
N GLY B 233 -8.21 -9.45 9.58
CA GLY B 233 -7.91 -10.74 10.20
C GLY B 233 -9.02 -11.75 9.95
N LEU B 234 -10.27 -11.31 10.09
CA LEU B 234 -11.38 -12.20 9.82
C LEU B 234 -11.43 -12.58 8.35
N LEU B 235 -11.06 -11.66 7.47
CA LEU B 235 -11.03 -11.94 6.04
C LEU B 235 -10.02 -13.03 5.69
N THR B 236 -8.87 -12.98 6.33
CA THR B 236 -7.82 -13.94 6.11
C THR B 236 -8.19 -15.34 6.63
N HIS B 237 -8.84 -15.40 7.78
CA HIS B 237 -9.38 -16.67 8.26
C HIS B 237 -10.41 -17.21 7.28
N MET B 238 -11.25 -16.32 6.74
CA MET B 238 -12.27 -16.74 5.79
C MET B 238 -11.75 -17.20 4.45
N ILE B 239 -10.81 -16.44 3.89
CA ILE B 239 -10.25 -16.75 2.59
C ILE B 239 -9.43 -18.02 2.67
N ALA B 240 -8.73 -18.21 3.80
CA ALA B 240 -7.93 -19.42 4.03
C ALA B 240 -8.74 -20.71 4.13
N LYS B 241 -9.85 -20.65 4.85
CA LYS B 241 -10.69 -21.82 5.03
C LYS B 241 -11.17 -22.30 3.68
N VAL B 242 -11.46 -21.35 2.82
CA VAL B 242 -11.92 -21.56 1.47
C VAL B 242 -10.86 -22.16 0.53
N CYS B 243 -9.60 -21.82 0.74
CA CYS B 243 -8.55 -22.33 -0.15
C CYS B 243 -7.84 -23.56 0.43
N GLY B 244 -8.17 -23.88 1.67
CA GLY B 244 -7.67 -25.08 2.30
C GLY B 244 -6.32 -24.84 2.93
N LEU B 245 -6.11 -23.61 3.36
CA LEU B 245 -4.83 -23.24 3.92
C LEU B 245 -4.97 -22.85 5.35
N LYS B 246 -3.86 -22.97 6.08
CA LYS B 246 -3.72 -22.48 7.43
C LYS B 246 -3.46 -20.97 7.45
N PRO B 247 -4.12 -20.26 8.36
CA PRO B 247 -3.88 -18.83 8.61
C PRO B 247 -2.48 -18.54 9.17
N GLY B 248 -1.88 -17.45 8.71
CA GLY B 248 -0.47 -17.20 8.95
C GLY B 248 -0.21 -15.98 9.79
N THR B 249 -0.03 -14.84 9.11
CA THR B 249 0.28 -13.59 9.78
C THR B 249 -0.36 -12.40 9.09
N LEU B 250 -0.86 -11.45 9.87
CA LEU B 250 -1.40 -10.20 9.36
C LEU B 250 -0.47 -9.01 9.56
N VAL B 251 -0.12 -8.33 8.46
CA VAL B 251 0.77 -7.17 8.51
C VAL B 251 0.01 -5.87 8.37
N HIS B 252 0.07 -5.03 9.38
CA HIS B 252 -0.69 -3.81 9.36
C HIS B 252 0.20 -2.61 9.14
N THR B 253 0.08 -2.03 7.95
CA THR B 253 0.78 -0.80 7.61
C THR B 253 -0.16 0.40 7.56
N LEU B 254 0.27 1.49 8.18
CA LEU B 254 -0.48 2.73 8.10
C LEU B 254 0.39 3.78 7.48
N GLY B 255 -0.26 4.70 6.78
CA GLY B 255 0.34 5.99 6.38
C GLY B 255 0.14 7.03 7.47
N ASP B 256 -1.04 7.62 7.59
CA ASP B 256 -1.21 8.56 8.69
C ASP B 256 -1.82 7.89 9.93
N ALA B 257 -0.96 7.62 10.90
CA ALA B 257 -1.34 6.92 12.11
C ALA B 257 -1.40 7.95 13.19
N HIS B 258 -2.59 8.15 13.74
CA HIS B 258 -2.86 9.32 14.54
C HIS B 258 -3.73 9.06 15.76
N VAL B 259 -3.60 9.95 16.72
CA VAL B 259 -4.29 9.82 17.98
C VAL B 259 -4.98 11.15 18.17
N TYR B 260 -6.29 11.16 18.44
CA TYR B 260 -6.96 12.42 18.69
C TYR B 260 -6.49 13.03 20.01
N SER B 261 -6.31 14.34 20.01
CA SER B 261 -5.70 15.06 21.14
C SER B 261 -6.57 15.00 22.39
N ASN B 262 -7.88 15.04 22.20
CA ASN B 262 -8.81 14.95 23.31
C ASN B 262 -8.86 13.58 23.99
N HIS B 263 -8.44 12.52 23.31
CA HIS B 263 -8.56 11.19 23.88
C HIS B 263 -7.33 10.72 24.58
N VAL B 264 -6.40 11.62 24.83
CA VAL B 264 -5.12 11.23 25.36
C VAL B 264 -5.27 10.73 26.77
N ASP B 265 -6.15 11.35 27.54
CA ASP B 265 -6.32 10.93 28.91
C ASP B 265 -6.75 9.49 28.98
N ALA B 266 -7.67 9.12 28.09
CA ALA B 266 -8.15 7.76 27.96
C ALA B 266 -7.12 6.73 27.47
N LEU B 267 -6.26 7.12 26.52
CA LEU B 267 -5.28 6.20 25.94
C LEU B 267 -4.15 5.87 26.89
N LYS B 268 -3.92 6.79 27.82
CA LYS B 268 -2.87 6.70 28.82
C LYS B 268 -3.19 5.58 29.80
N ILE B 269 -4.48 5.45 30.13
CA ILE B 269 -4.94 4.37 30.94
C ILE B 269 -4.84 3.07 30.16
N GLN B 270 -5.42 3.07 28.97
CA GLN B 270 -5.47 1.91 28.08
C GLN B 270 -4.08 1.36 27.88
N LEU B 271 -3.09 2.25 27.91
CA LEU B 271 -1.73 1.80 27.82
C LEU B 271 -1.27 1.10 29.08
N ASP B 272 -1.96 1.38 30.17
CA ASP B 272 -1.65 0.83 31.48
C ASP B 272 -2.07 -0.62 31.58
N ARG B 273 -3.22 -0.88 30.96
CA ARG B 273 -3.94 -2.15 31.02
C ARG B 273 -3.11 -3.23 30.40
N GLU B 274 -3.18 -4.42 30.98
CA GLU B 274 -2.43 -5.56 30.47
C GLU B 274 -3.34 -6.41 29.58
N PRO B 275 -2.86 -6.76 28.36
CA PRO B 275 -3.73 -7.45 27.42
C PRO B 275 -4.06 -8.86 27.87
N TYR B 276 -5.19 -9.38 27.40
CA TYR B 276 -5.58 -10.74 27.68
C TYR B 276 -5.24 -11.46 26.40
N ALA B 277 -5.30 -12.78 26.39
CA ALA B 277 -5.05 -13.50 25.15
C ALA B 277 -6.11 -13.14 24.12
N PHE B 278 -5.72 -13.10 22.85
CA PHE B 278 -6.64 -12.77 21.78
C PHE B 278 -7.68 -13.86 21.65
N PRO B 279 -8.91 -13.50 21.27
CA PRO B 279 -9.97 -14.49 21.04
C PRO B 279 -9.71 -15.39 19.83
N LYS B 280 -10.52 -16.43 19.66
CA LYS B 280 -10.34 -17.33 18.54
C LYS B 280 -11.60 -17.38 17.72
N ILE B 281 -11.46 -17.43 16.40
CA ILE B 281 -12.63 -17.59 15.54
C ILE B 281 -12.89 -19.07 15.22
N ARG B 282 -14.17 -19.41 15.11
CA ARG B 282 -14.58 -20.76 14.77
C ARG B 282 -15.67 -20.68 13.70
N PHE B 283 -15.59 -21.56 12.71
CA PHE B 283 -16.58 -21.60 11.64
C PHE B 283 -17.39 -22.86 11.87
N THR B 284 -18.70 -22.71 12.04
CA THR B 284 -19.48 -23.85 12.51
C THR B 284 -20.13 -24.76 11.45
N ARG B 285 -20.03 -24.41 10.17
CA ARG B 285 -20.34 -25.34 9.10
C ARG B 285 -19.42 -25.04 7.94
N ASP B 286 -19.45 -25.91 6.92
CA ASP B 286 -18.59 -25.78 5.75
C ASP B 286 -19.05 -24.66 4.84
N VAL B 287 -18.15 -24.15 4.03
CA VAL B 287 -18.50 -23.08 3.12
C VAL B 287 -18.27 -23.45 1.65
N ALA B 288 -19.20 -23.05 0.79
CA ALA B 288 -19.01 -23.38 -0.62
C ALA B 288 -18.05 -22.44 -1.34
N SER B 289 -17.99 -21.19 -0.90
CA SER B 289 -17.20 -20.16 -1.56
C SER B 289 -17.00 -19.10 -0.53
N ILE B 290 -16.29 -18.05 -0.91
CA ILE B 290 -16.17 -16.88 -0.07
C ILE B 290 -17.49 -16.11 -0.04
N ASP B 291 -18.45 -16.52 -0.85
CA ASP B 291 -19.78 -15.91 -0.88
C ASP B 291 -20.79 -16.62 0.03
N ASP B 292 -20.31 -17.62 0.76
CA ASP B 292 -21.16 -18.46 1.59
C ASP B 292 -20.79 -18.40 3.06
N PHE B 293 -20.42 -17.24 3.57
CA PHE B 293 -20.39 -17.12 5.03
C PHE B 293 -21.63 -16.33 5.45
N THR B 294 -22.07 -16.53 6.69
CA THR B 294 -23.18 -15.77 7.29
C THR B 294 -22.83 -15.45 8.74
N SER B 295 -23.62 -14.60 9.38
CA SER B 295 -23.26 -14.20 10.74
C SER B 295 -23.34 -15.37 11.71
N ASP B 296 -24.32 -16.23 11.52
CA ASP B 296 -24.64 -17.25 12.50
C ASP B 296 -23.66 -18.41 12.48
N MET B 297 -22.66 -18.38 11.59
CA MET B 297 -21.71 -19.47 11.58
C MET B 297 -20.28 -19.06 11.89
N ILE B 298 -20.09 -17.78 12.17
CA ILE B 298 -18.79 -17.30 12.58
C ILE B 298 -18.83 -17.04 14.06
N ALA B 299 -18.13 -17.87 14.82
CA ALA B 299 -18.21 -17.83 16.27
C ALA B 299 -16.95 -17.24 16.89
N LEU B 300 -17.13 -16.25 17.74
CA LEU B 300 -15.99 -15.69 18.41
C LEU B 300 -15.93 -16.32 19.80
N ASP B 301 -14.87 -17.06 20.09
CA ASP B 301 -14.80 -17.73 21.39
C ASP B 301 -13.96 -16.92 22.31
N ASP B 302 -14.47 -16.74 23.53
CA ASP B 302 -13.78 -16.12 24.68
C ASP B 302 -13.23 -14.73 24.43
N TYR B 303 -14.08 -13.79 24.03
CA TYR B 303 -13.61 -12.43 23.86
C TYR B 303 -13.59 -11.74 25.20
N LYS B 304 -12.43 -11.75 25.84
CA LYS B 304 -12.28 -11.25 27.20
C LYS B 304 -11.63 -9.88 27.16
N CYS B 305 -12.24 -8.93 27.87
CA CYS B 305 -11.96 -7.51 27.69
C CYS B 305 -11.88 -6.77 28.99
N HIS B 306 -11.28 -5.59 28.95
CA HIS B 306 -11.32 -4.70 30.09
C HIS B 306 -12.61 -3.88 30.12
N PRO B 307 -12.90 -3.23 31.26
CA PRO B 307 -14.10 -2.40 31.36
C PRO B 307 -14.02 -1.17 30.47
N LYS B 308 -15.17 -0.64 30.07
CA LYS B 308 -15.25 0.54 29.21
C LYS B 308 -14.53 1.72 29.82
N ILE B 309 -14.00 2.58 28.96
CA ILE B 309 -13.15 3.67 29.42
C ILE B 309 -13.95 4.88 29.91
N PRO B 310 -13.52 5.46 31.03
CA PRO B 310 -14.19 6.51 31.77
C PRO B 310 -14.04 7.89 31.15
N MET B 311 -13.45 7.94 29.95
CA MET B 311 -13.17 9.20 29.26
C MET B 311 -13.58 9.26 27.78
N ASP B 312 -13.17 8.26 27.00
CA ASP B 312 -13.63 8.03 25.62
C ASP B 312 -12.55 7.52 24.67
O2 NOH C . 12.42 -5.42 -7.25
C2 NOH C . 11.80 -5.23 -8.29
N3 NOH C . 11.47 -3.98 -8.59
C4 NOH C . 10.81 -3.73 -9.71
N4 NOH C . 10.48 -2.51 -9.98
O4 NOH C . 9.49 -2.46 -10.64
C5 NOH C . 10.43 -4.72 -10.58
C6 NOH C . 10.77 -6.01 -10.26
N1 NOH C . 11.47 -6.25 -9.10
C1' NOH C . 11.82 -7.62 -8.80
C2' NOH C . 10.89 -8.13 -7.76
C3' NOH C . 10.86 -9.54 -8.19
O3' NOH C . 12.15 -10.04 -8.00
O4' NOH C . 11.43 -8.25 -10.01
C4' NOH C . 10.70 -9.42 -9.67
C5' NOH C . 9.25 -9.20 -9.99
O5' NOH C . 8.73 -10.46 -10.20
P NOH C . 7.31 -10.66 -9.63
OP1 NOH C . 7.19 -12.25 -9.49
OP2 NOH C . 7.00 -9.97 -8.35
OP3 NOH C . 6.31 -10.21 -10.82
O2 NOH D . -9.49 4.97 11.18
C2 NOH D . -10.31 4.92 10.29
N3 NOH D . -10.60 3.74 9.74
C4 NOH D . -11.50 3.67 8.76
N4 NOH D . -11.78 2.50 8.22
O4 NOH D . -13.01 2.38 7.73
C5 NOH D . -12.16 4.80 8.31
C6 NOH D . -11.86 6.01 8.89
N1 NOH D . -10.91 6.05 9.90
C1' NOH D . -10.57 7.32 10.53
C2' NOH D . -9.24 7.79 10.02
C3' NOH D . -9.42 9.27 9.94
O3' NOH D . -9.34 9.80 11.23
O4' NOH D . -11.53 8.25 10.03
C4' NOH D . -10.87 9.45 9.53
C5' NOH D . -10.97 9.63 8.01
O5' NOH D . -9.72 10.04 7.48
P NOH D . -9.90 11.21 6.48
OP1 NOH D . -10.82 12.28 7.24
OP2 NOH D . -8.61 11.77 5.99
OP3 NOH D . -10.82 10.62 5.29
#